data_1DSJ
#
_entry.id   1DSJ
#
_cell.length_a   1.000
_cell.length_b   1.000
_cell.length_c   1.000
_cell.angle_alpha   90.00
_cell.angle_beta   90.00
_cell.angle_gamma   90.00
#
_symmetry.space_group_name_H-M   'P 1'
#
_entity_poly.entity_id   1
_entity_poly.type   'polypeptide(L)'
_entity_poly.pdbx_seq_one_letter_code
;(ACE)YGDTWAGVEAIIRILQQLLFIHFRIG(NH2)
;
_entity_poly.pdbx_strand_id   A
#
loop_
_chem_comp.id
_chem_comp.type
_chem_comp.name
_chem_comp.formula
ACE non-polymer 'ACETYL GROUP' 'C2 H4 O'
NH2 non-polymer 'AMINO GROUP' 'H2 N'
#
# COMPACT_ATOMS: atom_id res chain seq x y z
C ACE A 1 -17.49 -5.10 -11.59
O ACE A 1 -16.87 -4.25 -10.97
CH3 ACE A 1 -17.44 -5.14 -13.11
H1 ACE A 1 -18.44 -5.19 -13.51
H2 ACE A 1 -16.88 -6.00 -13.43
H3 ACE A 1 -16.95 -4.24 -13.47
N TYR A 2 -18.23 -6.02 -11.02
CA TYR A 2 -18.36 -6.08 -9.54
C TYR A 2 -17.03 -6.64 -8.97
N GLY A 3 -16.03 -5.82 -9.07
CA GLY A 3 -14.68 -6.17 -8.58
C GLY A 3 -13.58 -5.36 -9.28
N ASP A 4 -13.92 -4.20 -9.79
CA ASP A 4 -12.90 -3.35 -10.49
C ASP A 4 -12.54 -2.12 -9.67
N THR A 5 -13.32 -1.78 -8.68
CA THR A 5 -13.00 -0.56 -7.88
C THR A 5 -11.79 -0.81 -7.03
N TRP A 6 -11.41 -2.04 -7.02
CA TRP A 6 -10.24 -2.41 -6.23
C TRP A 6 -9.01 -1.69 -6.77
N ALA A 7 -9.13 -1.23 -7.98
CA ALA A 7 -7.97 -0.50 -8.58
C ALA A 7 -7.65 0.74 -7.72
N GLY A 8 -8.68 1.25 -7.08
CA GLY A 8 -8.50 2.45 -6.22
C GLY A 8 -7.75 1.96 -4.99
N VAL A 9 -8.29 0.92 -4.41
CA VAL A 9 -7.70 0.32 -3.19
C VAL A 9 -6.19 0.06 -3.43
N GLU A 10 -5.93 -0.54 -4.56
CA GLU A 10 -4.52 -0.86 -4.94
C GLU A 10 -3.65 0.38 -4.93
N ALA A 11 -4.23 1.52 -5.16
CA ALA A 11 -3.40 2.75 -5.17
C ALA A 11 -3.01 3.10 -3.74
N ILE A 12 -3.85 2.70 -2.84
CA ILE A 12 -3.60 2.98 -1.40
C ILE A 12 -2.57 1.98 -0.86
N ILE A 13 -2.87 0.72 -1.08
CA ILE A 13 -1.95 -0.34 -0.59
C ILE A 13 -0.58 -0.07 -1.21
N ARG A 14 -0.57 0.33 -2.47
CA ARG A 14 0.73 0.62 -3.15
C ARG A 14 1.65 1.52 -2.33
N ILE A 15 1.10 2.37 -1.49
CA ILE A 15 1.96 3.27 -0.65
C ILE A 15 1.66 3.10 0.85
N LEU A 16 0.91 2.08 1.14
CA LEU A 16 0.54 1.79 2.55
C LEU A 16 1.75 1.17 3.24
N GLN A 17 1.75 -0.13 3.47
CA GLN A 17 2.93 -0.72 4.15
C GLN A 17 4.26 -0.54 3.43
N GLN A 18 4.30 0.16 2.33
CA GLN A 18 5.61 0.32 1.64
C GLN A 18 6.43 1.28 2.51
N LEU A 19 5.72 2.24 3.05
CA LEU A 19 6.38 3.27 3.92
C LEU A 19 6.65 2.69 5.30
N LEU A 20 5.77 1.81 5.66
CA LEU A 20 5.89 1.17 6.98
C LEU A 20 6.98 0.14 6.96
N PHE A 21 7.06 -0.58 5.87
CA PHE A 21 8.10 -1.62 5.76
C PHE A 21 9.40 -0.91 5.77
N ILE A 22 9.47 0.26 5.17
CA ILE A 22 10.80 0.89 5.21
C ILE A 22 11.01 1.61 6.53
N HIS A 23 9.94 2.02 7.13
CA HIS A 23 10.11 2.72 8.43
C HIS A 23 10.51 1.70 9.48
N PHE A 24 9.92 0.56 9.33
CA PHE A 24 10.16 -0.61 10.25
C PHE A 24 11.42 -1.39 9.93
N ARG A 25 11.61 -1.69 8.68
CA ARG A 25 12.82 -2.47 8.25
C ARG A 25 14.05 -1.70 8.69
N ILE A 26 13.99 -0.40 8.54
CA ILE A 26 15.13 0.45 8.95
C ILE A 26 14.95 0.75 10.44
N GLY A 27 13.84 1.34 10.79
CA GLY A 27 13.56 1.67 12.22
C GLY A 27 13.10 0.41 12.95
N NH2 A 28 13.86 -0.64 12.93
HN1 NH2 A 28 14.71 -0.62 12.44
HN2 NH2 A 28 13.56 -1.45 13.39
C ACE A 1 -18.10 -1.57 -13.92
O ACE A 1 -16.91 -1.36 -13.82
CH3 ACE A 1 -18.72 -1.86 -15.28
H1 ACE A 1 -18.95 -0.94 -15.77
H2 ACE A 1 -19.62 -2.45 -15.16
H3 ACE A 1 -18.02 -2.42 -15.87
N TYR A 2 -18.91 -1.55 -12.89
CA TYR A 2 -18.42 -1.26 -11.50
C TYR A 2 -17.45 -2.29 -10.90
N GLY A 3 -16.69 -2.99 -11.71
CA GLY A 3 -15.73 -4.01 -11.19
C GLY A 3 -14.31 -3.46 -11.27
N ASP A 4 -14.22 -2.16 -11.33
CA ASP A 4 -12.88 -1.47 -11.42
C ASP A 4 -12.69 -0.51 -10.24
N THR A 5 -13.12 -0.91 -9.07
CA THR A 5 -12.97 -0.06 -7.86
C THR A 5 -11.70 -0.28 -7.09
N TRP A 6 -11.55 -1.54 -6.90
CA TRP A 6 -10.38 -2.06 -6.18
C TRP A 6 -9.04 -1.57 -6.71
N ALA A 7 -9.07 -1.03 -7.91
CA ALA A 7 -7.79 -0.52 -8.49
C ALA A 7 -7.34 0.72 -7.70
N GLY A 8 -8.33 1.46 -7.25
CA GLY A 8 -8.04 2.69 -6.47
C GLY A 8 -7.53 2.20 -5.13
N VAL A 9 -8.25 1.25 -4.61
CA VAL A 9 -7.90 0.67 -3.30
C VAL A 9 -6.43 0.22 -3.32
N GLU A 10 -6.04 -0.52 -4.32
CA GLU A 10 -4.61 -0.95 -4.35
C GLU A 10 -3.63 0.22 -4.40
N ALA A 11 -4.07 1.36 -4.83
CA ALA A 11 -3.12 2.51 -4.87
C ALA A 11 -2.73 2.83 -3.44
N ILE A 12 -3.62 2.49 -2.55
CA ILE A 12 -3.40 2.73 -1.11
C ILE A 12 -2.46 1.65 -0.55
N ILE A 13 -2.83 0.41 -0.75
CA ILE A 13 -1.98 -0.70 -0.25
C ILE A 13 -0.60 -0.60 -0.88
N ARG A 14 -0.55 -0.18 -2.13
CA ARG A 14 0.78 -0.06 -2.79
C ARG A 14 1.69 0.94 -2.09
N ILE A 15 1.16 1.80 -1.25
CA ILE A 15 2.03 2.79 -0.53
C ILE A 15 2.00 2.50 0.99
N LEU A 16 0.94 1.86 1.39
CA LEU A 16 0.64 1.44 2.79
C LEU A 16 1.82 0.70 3.38
N GLN A 17 1.95 -0.57 3.05
CA GLN A 17 3.11 -1.25 3.64
C GLN A 17 4.39 -0.83 2.96
N GLN A 18 4.29 0.01 1.97
CA GLN A 18 5.57 0.42 1.31
C GLN A 18 6.25 1.49 2.17
N LEU A 19 5.45 2.26 2.85
CA LEU A 19 6.05 3.32 3.72
C LEU A 19 6.31 2.71 5.10
N LEU A 20 5.49 1.76 5.43
CA LEU A 20 5.64 1.09 6.74
C LEU A 20 6.76 0.11 6.65
N PHE A 21 6.94 -0.53 5.54
CA PHE A 21 8.03 -1.50 5.41
C PHE A 21 9.32 -0.77 5.53
N ILE A 22 9.35 0.41 4.98
CA ILE A 22 10.64 1.12 5.09
C ILE A 22 10.76 1.79 6.43
N HIS A 23 9.63 2.14 6.99
CA HIS A 23 9.74 2.81 8.33
C HIS A 23 10.22 1.75 9.31
N PHE A 24 9.68 0.58 9.09
CA PHE A 24 10.01 -0.59 9.94
C PHE A 24 11.39 -1.16 9.66
N ARG A 25 11.69 -1.37 8.40
CA ARG A 25 13.04 -1.92 8.04
C ARG A 25 14.17 -1.14 8.71
N ILE A 26 14.02 0.15 8.82
CA ILE A 26 15.09 0.97 9.46
C ILE A 26 15.08 0.79 10.99
N GLY A 27 13.96 0.35 11.48
CA GLY A 27 13.76 0.11 12.94
C GLY A 27 12.30 0.32 13.30
N NH2 A 28 11.55 1.11 12.59
HN1 NH2 A 28 11.90 1.57 11.80
HN2 NH2 A 28 10.62 1.23 12.85
C ACE A 1 -19.01 -2.91 -11.97
O ACE A 1 -18.27 -1.96 -12.05
CH3 ACE A 1 -19.55 -3.59 -13.22
H1 ACE A 1 -20.61 -3.73 -13.13
H2 ACE A 1 -19.05 -4.55 -13.33
H3 ACE A 1 -19.32 -2.97 -14.07
N TYR A 2 -19.41 -3.40 -10.82
CA TYR A 2 -18.95 -2.80 -9.53
C TYR A 2 -17.68 -3.52 -9.04
N GLY A 3 -16.90 -3.99 -9.98
CA GLY A 3 -15.63 -4.71 -9.64
C GLY A 3 -14.45 -3.89 -10.13
N ASP A 4 -14.47 -2.63 -9.81
CA ASP A 4 -13.35 -1.72 -10.24
C ASP A 4 -12.86 -0.78 -9.13
N THR A 5 -13.58 -0.76 -8.04
CA THR A 5 -13.23 0.11 -6.87
C THR A 5 -11.87 -0.21 -6.38
N TRP A 6 -11.65 -1.46 -6.57
CA TRP A 6 -10.38 -2.05 -6.17
C TRP A 6 -9.17 -1.35 -6.80
N ALA A 7 -9.41 -0.68 -7.90
CA ALA A 7 -8.28 0.04 -8.57
C ALA A 7 -7.83 1.17 -7.63
N GLY A 8 -8.79 1.69 -6.90
CA GLY A 8 -8.51 2.79 -5.96
C GLY A 8 -7.75 2.12 -4.81
N VAL A 9 -8.33 1.05 -4.35
CA VAL A 9 -7.72 0.28 -3.24
C VAL A 9 -6.24 -0.03 -3.52
N GLU A 10 -5.96 -0.53 -4.70
CA GLU A 10 -4.52 -0.83 -4.97
C GLU A 10 -3.66 0.41 -4.90
N ALA A 11 -4.22 1.57 -5.10
CA ALA A 11 -3.38 2.82 -5.04
C ALA A 11 -2.89 3.03 -3.60
N ILE A 12 -3.61 2.41 -2.71
CA ILE A 12 -3.28 2.51 -1.27
C ILE A 12 -2.25 1.44 -0.94
N ILE A 13 -2.58 0.22 -1.28
CA ILE A 13 -1.64 -0.89 -1.00
C ILE A 13 -0.35 -0.61 -1.77
N ARG A 14 -0.47 0.12 -2.86
CA ARG A 14 0.73 0.47 -3.70
C ARG A 14 1.80 1.08 -2.79
N ILE A 15 1.40 1.81 -1.77
CA ILE A 15 2.44 2.42 -0.86
C ILE A 15 2.25 2.10 0.65
N LEU A 16 1.18 1.39 0.91
CA LEU A 16 0.76 0.95 2.27
C LEU A 16 1.89 0.36 3.08
N GLN A 17 2.17 -0.89 2.82
CA GLN A 17 3.27 -1.50 3.59
C GLN A 17 4.60 -1.10 3.01
N GLN A 18 4.56 -0.27 2.00
CA GLN A 18 5.84 0.15 1.39
C GLN A 18 6.44 1.21 2.30
N LEU A 19 5.57 2.02 2.86
CA LEU A 19 6.08 3.10 3.75
C LEU A 19 6.27 2.52 5.13
N LEU A 20 5.51 1.51 5.41
CA LEU A 20 5.62 0.87 6.74
C LEU A 20 6.81 -0.05 6.77
N PHE A 21 7.08 -0.71 5.69
CA PHE A 21 8.23 -1.63 5.68
C PHE A 21 9.47 -0.82 5.81
N ILE A 22 9.45 0.35 5.22
CA ILE A 22 10.68 1.15 5.35
C ILE A 22 10.70 1.86 6.67
N HIS A 23 9.53 2.18 7.17
CA HIS A 23 9.55 2.90 8.48
C HIS A 23 10.04 1.90 9.53
N PHE A 24 9.57 0.71 9.34
CA PHE A 24 9.93 -0.41 10.26
C PHE A 24 11.35 -0.94 10.03
N ARG A 25 11.69 -1.15 8.81
CA ARG A 25 13.06 -1.68 8.49
C ARG A 25 14.17 -0.82 9.11
N ILE A 26 13.94 0.47 9.21
CA ILE A 26 14.99 1.36 9.82
C ILE A 26 14.97 1.27 11.37
N GLY A 27 13.93 0.66 11.86
CA GLY A 27 13.75 0.49 13.33
C GLY A 27 13.37 1.83 13.95
N NH2 A 28 14.27 2.77 13.97
HN1 NH2 A 28 15.15 2.58 13.59
HN2 NH2 A 28 14.05 3.64 14.37
C ACE A 1 -10.02 -7.66 -7.41
O ACE A 1 -10.26 -6.47 -7.47
CH3 ACE A 1 -10.00 -8.41 -6.08
H1 ACE A 1 -9.06 -8.92 -5.96
H2 ACE A 1 -10.82 -9.11 -6.04
H3 ACE A 1 -10.12 -7.68 -5.28
N TYR A 2 -9.79 -8.37 -8.48
CA TYR A 2 -9.80 -7.73 -9.83
C TYR A 2 -11.26 -7.52 -10.29
N GLY A 3 -12.03 -6.90 -9.44
CA GLY A 3 -13.47 -6.65 -9.76
C GLY A 3 -13.59 -5.38 -10.58
N ASP A 4 -12.78 -4.41 -10.24
CA ASP A 4 -12.72 -3.06 -10.91
C ASP A 4 -12.41 -1.91 -9.94
N THR A 5 -12.95 -1.94 -8.75
CA THR A 5 -12.69 -0.83 -7.78
C THR A 5 -11.51 -1.01 -6.88
N TRP A 6 -11.09 -2.23 -6.84
CA TRP A 6 -9.92 -2.54 -5.98
C TRP A 6 -8.67 -1.83 -6.43
N ALA A 7 -8.67 -1.46 -7.69
CA ALA A 7 -7.47 -0.74 -8.22
C ALA A 7 -7.23 0.51 -7.36
N GLY A 8 -8.31 0.98 -6.77
CA GLY A 8 -8.23 2.19 -5.91
C GLY A 8 -7.50 1.76 -4.65
N VAL A 9 -7.99 0.72 -4.04
CA VAL A 9 -7.40 0.17 -2.80
C VAL A 9 -5.90 -0.04 -3.03
N GLU A 10 -5.61 -0.61 -4.16
CA GLU A 10 -4.17 -0.86 -4.50
C GLU A 10 -3.37 0.44 -4.53
N ALA A 11 -4.00 1.53 -4.84
CA ALA A 11 -3.22 2.81 -4.89
C ALA A 11 -2.82 3.22 -3.47
N ILE A 12 -3.48 2.60 -2.54
CA ILE A 12 -3.23 2.87 -1.11
C ILE A 12 -2.14 1.90 -0.66
N ILE A 13 -2.39 0.63 -0.83
CA ILE A 13 -1.36 -0.36 -0.41
C ILE A 13 -0.04 -0.03 -1.11
N ARG A 14 -0.16 0.47 -2.32
CA ARG A 14 1.03 0.85 -3.12
C ARG A 14 1.98 1.79 -2.37
N ILE A 15 1.44 2.51 -1.42
CA ILE A 15 2.26 3.47 -0.61
C ILE A 15 2.14 3.27 0.93
N LEU A 16 0.96 2.90 1.34
CA LEU A 16 0.56 2.65 2.76
C LEU A 16 1.58 1.76 3.42
N GLN A 17 1.47 0.49 3.21
CA GLN A 17 2.47 -0.38 3.85
C GLN A 17 3.80 -0.26 3.13
N GLN A 18 3.83 0.54 2.11
CA GLN A 18 5.10 0.70 1.36
C GLN A 18 6.02 1.58 2.20
N LEU A 19 5.43 2.54 2.88
CA LEU A 19 6.26 3.46 3.71
C LEU A 19 6.43 2.82 5.08
N LEU A 20 5.47 2.01 5.41
CA LEU A 20 5.53 1.34 6.72
C LEU A 20 6.52 0.21 6.64
N PHE A 21 6.55 -0.46 5.52
CA PHE A 21 7.49 -1.58 5.40
C PHE A 21 8.88 -1.06 5.47
N ILE A 22 9.08 0.12 4.95
CA ILE A 22 10.46 0.62 5.02
C ILE A 22 10.68 1.30 6.35
N HIS A 23 9.62 1.82 6.90
CA HIS A 23 9.82 2.50 8.21
C HIS A 23 10.20 1.40 9.20
N PHE A 24 9.50 0.32 9.03
CA PHE A 24 9.69 -0.88 9.89
C PHE A 24 10.96 -1.65 9.55
N ARG A 25 11.16 -1.90 8.29
CA ARG A 25 12.38 -2.66 7.86
C ARG A 25 13.64 -1.92 8.32
N ILE A 26 13.62 -0.62 8.25
CA ILE A 26 14.80 0.17 8.67
C ILE A 26 14.71 0.50 10.17
N GLY A 27 13.62 1.08 10.59
CA GLY A 27 13.43 1.44 12.03
C GLY A 27 14.32 2.62 12.46
N NH2 A 28 15.61 2.54 12.31
HN1 NH2 A 28 16.00 1.72 11.93
HN2 NH2 A 28 16.17 3.28 12.60
C ACE A 1 -18.16 -3.16 -9.21
O ACE A 1 -18.21 -4.36 -9.24
CH3 ACE A 1 -18.84 -2.34 -10.31
H1 ACE A 1 -18.72 -2.86 -11.25
H2 ACE A 1 -18.39 -1.36 -10.37
H3 ACE A 1 -19.90 -2.26 -10.09
N TYR A 2 -17.54 -2.47 -8.28
CA TYR A 2 -16.82 -3.08 -7.11
C TYR A 2 -15.59 -3.88 -7.49
N GLY A 3 -15.86 -4.92 -8.17
CA GLY A 3 -14.83 -5.89 -8.68
C GLY A 3 -13.61 -5.22 -9.32
N ASP A 4 -13.76 -3.97 -9.69
CA ASP A 4 -12.65 -3.20 -10.33
C ASP A 4 -12.22 -2.01 -9.47
N THR A 5 -13.04 -1.68 -8.51
CA THR A 5 -12.79 -0.54 -7.58
C THR A 5 -11.53 -0.77 -6.81
N TRP A 6 -11.23 -2.03 -6.81
CA TRP A 6 -10.02 -2.46 -6.09
C TRP A 6 -8.78 -1.81 -6.67
N ALA A 7 -8.87 -1.37 -7.91
CA ALA A 7 -7.68 -0.72 -8.54
C ALA A 7 -7.34 0.54 -7.74
N GLY A 8 -8.37 1.10 -7.13
CA GLY A 8 -8.18 2.33 -6.32
C GLY A 8 -7.50 1.85 -5.06
N VAL A 9 -8.05 0.84 -4.46
CA VAL A 9 -7.48 0.28 -3.21
C VAL A 9 -5.97 0.01 -3.40
N GLU A 10 -5.66 -0.61 -4.50
CA GLU A 10 -4.22 -0.92 -4.81
C GLU A 10 -3.36 0.33 -4.81
N ALA A 11 -3.95 1.45 -5.11
CA ALA A 11 -3.14 2.71 -5.13
C ALA A 11 -2.83 3.16 -3.71
N ILE A 12 -3.60 2.64 -2.80
CA ILE A 12 -3.41 2.99 -1.36
C ILE A 12 -2.40 2.02 -0.79
N ILE A 13 -2.68 0.75 -0.97
CA ILE A 13 -1.77 -0.29 -0.44
C ILE A 13 -0.38 -0.04 -1.03
N ARG A 14 -0.34 0.34 -2.28
CA ARG A 14 0.99 0.61 -2.92
C ARG A 14 1.88 1.51 -2.07
N ILE A 15 1.29 2.38 -1.26
CA ILE A 15 2.12 3.28 -0.41
C ILE A 15 1.95 3.00 1.12
N LEU A 16 0.75 2.62 1.47
CA LEU A 16 0.29 2.31 2.85
C LEU A 16 1.36 1.57 3.64
N GLN A 17 1.37 0.27 3.57
CA GLN A 17 2.42 -0.43 4.34
C GLN A 17 3.71 -0.34 3.56
N GLN A 18 3.72 0.43 2.49
CA GLN A 18 4.98 0.53 1.71
C GLN A 18 5.93 1.42 2.51
N LEU A 19 5.38 2.43 3.14
CA LEU A 19 6.25 3.35 3.93
C LEU A 19 6.49 2.75 5.31
N LEU A 20 5.57 1.91 5.68
CA LEU A 20 5.67 1.24 6.98
C LEU A 20 6.66 0.12 6.89
N PHE A 21 6.64 -0.59 5.81
CA PHE A 21 7.58 -1.72 5.65
C PHE A 21 8.96 -1.16 5.61
N ILE A 22 9.08 0.00 5.05
CA ILE A 22 10.45 0.53 5.00
C ILE A 22 10.79 1.24 6.31
N HIS A 23 9.79 1.78 6.95
CA HIS A 23 10.13 2.47 8.24
C HIS A 23 10.56 1.35 9.20
N PHE A 24 9.81 0.29 9.07
CA PHE A 24 10.05 -0.91 9.90
C PHE A 24 11.42 -1.48 9.51
N ARG A 25 11.57 -1.78 8.25
CA ARG A 25 12.89 -2.34 7.79
C ARG A 25 14.07 -1.48 8.23
N ILE A 26 13.93 -0.19 8.13
CA ILE A 26 15.05 0.71 8.55
C ILE A 26 15.08 0.83 10.09
N GLY A 27 13.96 0.58 10.70
CA GLY A 27 13.89 0.68 12.19
C GLY A 27 13.77 2.13 12.63
N NH2 A 28 12.90 2.88 12.04
HN1 NH2 A 28 12.33 2.51 11.34
HN2 NH2 A 28 12.81 3.82 12.32
C ACE A 1 -18.32 -5.59 -14.02
O ACE A 1 -17.65 -5.31 -15.00
CH3 ACE A 1 -19.20 -6.84 -14.03
H1 ACE A 1 -18.76 -7.59 -13.38
H2 ACE A 1 -19.25 -7.22 -15.04
H3 ACE A 1 -20.19 -6.59 -13.69
N TYR A 2 -18.36 -4.88 -12.93
CA TYR A 2 -17.55 -3.63 -12.80
C TYR A 2 -16.81 -3.60 -11.45
N GLY A 3 -16.34 -4.75 -11.03
CA GLY A 3 -15.62 -4.83 -9.71
C GLY A 3 -14.17 -4.34 -9.85
N ASP A 4 -14.01 -3.20 -10.46
CA ASP A 4 -12.65 -2.60 -10.67
C ASP A 4 -12.34 -1.54 -9.61
N THR A 5 -13.15 -1.49 -8.60
CA THR A 5 -12.99 -0.50 -7.49
C THR A 5 -11.67 -0.67 -6.83
N TRP A 6 -11.34 -1.91 -6.86
CA TRP A 6 -10.08 -2.35 -6.27
C TRP A 6 -8.86 -1.62 -6.85
N ALA A 7 -9.01 -1.06 -8.02
CA ALA A 7 -7.85 -0.33 -8.62
C ALA A 7 -7.48 0.85 -7.70
N GLY A 8 -8.48 1.33 -7.01
CA GLY A 8 -8.27 2.47 -6.07
C GLY A 8 -7.53 1.89 -4.88
N VAL A 9 -8.05 0.81 -4.40
CA VAL A 9 -7.45 0.11 -3.22
C VAL A 9 -5.95 -0.11 -3.49
N GLU A 10 -5.65 -0.62 -4.67
CA GLU A 10 -4.21 -0.88 -5.03
C GLU A 10 -3.37 0.39 -4.94
N ALA A 11 -3.99 1.53 -5.03
CA ALA A 11 -3.20 2.79 -4.95
C ALA A 11 -2.94 3.15 -3.49
N ILE A 12 -3.67 2.52 -2.62
CA ILE A 12 -3.52 2.78 -1.16
C ILE A 12 -2.47 1.79 -0.65
N ILE A 13 -2.74 0.53 -0.92
CA ILE A 13 -1.81 -0.54 -0.49
C ILE A 13 -0.41 -0.24 -1.00
N ARG A 14 -0.29 0.17 -2.26
CA ARG A 14 1.08 0.46 -2.77
C ARG A 14 1.85 1.51 -1.96
N ILE A 15 1.17 2.33 -1.20
CA ILE A 15 1.88 3.36 -0.40
C ILE A 15 1.76 3.08 1.13
N LEU A 16 0.76 2.32 1.45
CA LEU A 16 0.42 1.91 2.85
C LEU A 16 1.64 1.25 3.50
N GLN A 17 1.64 -0.05 3.48
CA GLN A 17 2.77 -0.78 4.08
C GLN A 17 4.04 -0.59 3.27
N GLN A 18 4.00 0.21 2.24
CA GLN A 18 5.26 0.36 1.47
C GLN A 18 6.18 1.28 2.23
N LEU A 19 5.54 2.23 2.88
CA LEU A 19 6.32 3.22 3.67
C LEU A 19 6.54 2.66 5.05
N LEU A 20 5.59 1.91 5.47
CA LEU A 20 5.70 1.30 6.81
C LEU A 20 6.68 0.18 6.79
N PHE A 21 6.72 -0.58 5.74
CA PHE A 21 7.70 -1.70 5.71
C PHE A 21 9.08 -1.15 5.67
N ILE A 22 9.21 -0.03 5.01
CA ILE A 22 10.58 0.49 4.95
C ILE A 22 10.86 1.28 6.21
N HIS A 23 9.83 1.88 6.73
CA HIS A 23 10.07 2.68 7.98
C HIS A 23 10.38 1.68 9.08
N PHE A 24 9.73 0.56 8.99
CA PHE A 24 9.94 -0.52 10.02
C PHE A 24 11.26 -1.23 9.77
N ARG A 25 11.49 -1.59 8.53
CA ARG A 25 12.77 -2.30 8.23
C ARG A 25 13.99 -1.52 8.73
N ILE A 26 13.99 -0.23 8.55
CA ILE A 26 15.15 0.58 9.02
C ILE A 26 14.90 1.33 10.34
N GLY A 27 13.66 1.68 10.60
CA GLY A 27 13.32 2.42 11.86
C GLY A 27 12.54 1.56 12.85
N NH2 A 28 12.36 0.30 12.60
HN1 NH2 A 28 12.72 -0.11 11.79
HN2 NH2 A 28 11.86 -0.24 13.24
C ACE A 1 -16.83 -5.23 -13.36
O ACE A 1 -16.06 -4.36 -13.01
CH3 ACE A 1 -16.44 -6.23 -14.46
H1 ACE A 1 -15.51 -5.93 -14.91
H2 ACE A 1 -17.22 -6.26 -15.20
H3 ACE A 1 -16.32 -7.22 -14.03
N TYR A 2 -18.02 -5.39 -12.84
CA TYR A 2 -18.50 -4.46 -11.76
C TYR A 2 -17.83 -4.74 -10.39
N GLY A 3 -16.52 -4.64 -10.34
CA GLY A 3 -15.83 -4.89 -9.03
C GLY A 3 -14.32 -4.64 -9.04
N ASP A 4 -13.84 -3.91 -10.01
CA ASP A 4 -12.36 -3.63 -10.08
C ASP A 4 -12.06 -2.42 -9.20
N THR A 5 -12.86 -2.22 -8.19
CA THR A 5 -12.72 -1.08 -7.25
C THR A 5 -11.44 -1.20 -6.48
N TRP A 6 -11.07 -2.43 -6.41
CA TRP A 6 -9.83 -2.76 -5.70
C TRP A 6 -8.60 -2.07 -6.29
N ALA A 7 -8.70 -1.67 -7.53
CA ALA A 7 -7.52 -0.99 -8.15
C ALA A 7 -7.25 0.32 -7.38
N GLY A 8 -8.31 0.83 -6.81
CA GLY A 8 -8.20 2.11 -6.03
C GLY A 8 -7.46 1.74 -4.77
N VAL A 9 -7.94 0.70 -4.14
CA VAL A 9 -7.33 0.21 -2.89
C VAL A 9 -5.82 0.01 -3.09
N GLU A 10 -5.50 -0.70 -4.13
CA GLU A 10 -4.05 -0.95 -4.42
C GLU A 10 -3.26 0.34 -4.57
N ALA A 11 -3.92 1.42 -4.91
CA ALA A 11 -3.15 2.69 -5.06
C ALA A 11 -2.78 3.22 -3.68
N ILE A 12 -3.56 2.81 -2.72
CA ILE A 12 -3.33 3.24 -1.31
C ILE A 12 -2.25 2.36 -0.72
N ILE A 13 -2.45 1.07 -0.85
CA ILE A 13 -1.44 0.13 -0.30
C ILE A 13 -0.14 0.43 -1.02
N ARG A 14 -0.24 0.83 -2.27
CA ARG A 14 0.97 1.16 -3.08
C ARG A 14 1.93 2.08 -2.29
N ILE A 15 1.38 2.88 -1.42
CA ILE A 15 2.24 3.81 -0.64
C ILE A 15 2.15 3.55 0.89
N LEU A 16 1.04 3.02 1.33
CA LEU A 16 0.86 2.76 2.78
C LEU A 16 1.89 1.74 3.25
N GLN A 17 1.67 0.52 2.87
CA GLN A 17 2.64 -0.49 3.30
C GLN A 17 4.01 -0.25 2.71
N GLN A 18 4.16 0.65 1.78
CA GLN A 18 5.55 0.80 1.25
C GLN A 18 6.31 1.70 2.20
N LEU A 19 5.58 2.55 2.86
CA LEU A 19 6.23 3.49 3.82
C LEU A 19 6.37 2.77 5.13
N LEU A 20 5.39 1.96 5.38
CA LEU A 20 5.43 1.21 6.65
C LEU A 20 6.43 0.10 6.52
N PHE A 21 6.54 -0.51 5.37
CA PHE A 21 7.53 -1.61 5.23
C PHE A 21 8.89 -1.01 5.38
N ILE A 22 9.06 0.18 4.89
CA ILE A 22 10.41 0.72 5.04
C ILE A 22 10.59 1.27 6.42
N HIS A 23 9.51 1.77 6.98
CA HIS A 23 9.68 2.32 8.36
C HIS A 23 9.97 1.17 9.31
N PHE A 24 9.30 0.10 9.03
CA PHE A 24 9.46 -1.15 9.86
C PHE A 24 10.73 -1.92 9.53
N ARG A 25 11.02 -2.03 8.28
CA ARG A 25 12.25 -2.79 7.89
C ARG A 25 13.48 -2.04 8.43
N ILE A 26 13.45 -0.73 8.37
CA ILE A 26 14.61 0.06 8.87
C ILE A 26 14.47 0.39 10.38
N GLY A 27 13.30 0.78 10.80
CA GLY A 27 13.07 1.14 12.24
C GLY A 27 12.17 0.15 12.98
N NH2 A 28 11.97 -1.04 12.49
HN1 NH2 A 28 12.40 -1.32 11.65
HN2 NH2 A 28 11.40 -1.66 12.96
C ACE A 1 -15.19 -6.24 -14.79
O ACE A 1 -15.37 -7.14 -14.01
CH3 ACE A 1 -14.03 -6.30 -15.78
H1 ACE A 1 -13.40 -5.42 -15.65
H2 ACE A 1 -14.42 -6.34 -16.78
H3 ACE A 1 -13.45 -7.18 -15.59
N TYR A 2 -15.94 -5.17 -14.86
CA TYR A 2 -17.13 -4.96 -13.95
C TYR A 2 -16.79 -5.27 -12.47
N GLY A 3 -15.83 -4.56 -11.95
CA GLY A 3 -15.41 -4.77 -10.52
C GLY A 3 -13.91 -4.61 -10.30
N ASP A 4 -13.28 -3.85 -11.15
CA ASP A 4 -11.80 -3.62 -11.05
C ASP A 4 -11.62 -2.40 -10.14
N THR A 5 -12.25 -2.47 -9.01
CA THR A 5 -12.18 -1.36 -8.01
C THR A 5 -10.95 -1.38 -7.17
N TRP A 6 -10.62 -2.60 -6.92
CA TRP A 6 -9.43 -2.87 -6.10
C TRP A 6 -8.13 -2.18 -6.55
N ALA A 7 -8.12 -1.75 -7.77
CA ALA A 7 -6.89 -1.06 -8.29
C ALA A 7 -6.71 0.25 -7.50
N GLY A 8 -7.84 0.79 -7.10
CA GLY A 8 -7.83 2.07 -6.32
C GLY A 8 -7.23 1.72 -4.98
N VAL A 9 -7.78 0.71 -4.39
CA VAL A 9 -7.31 0.21 -3.07
C VAL A 9 -5.79 0.05 -3.11
N GLU A 10 -5.32 -0.68 -4.09
CA GLU A 10 -3.85 -0.92 -4.24
C GLU A 10 -3.05 0.38 -4.28
N ALA A 11 -3.67 1.43 -4.73
CA ALA A 11 -2.90 2.73 -4.79
C ALA A 11 -2.66 3.24 -3.37
N ILE A 12 -3.54 2.84 -2.49
CA ILE A 12 -3.43 3.26 -1.07
C ILE A 12 -2.41 2.40 -0.36
N ILE A 13 -2.60 1.11 -0.49
CA ILE A 13 -1.68 0.16 0.18
C ILE A 13 -0.27 0.41 -0.40
N ARG A 14 -0.20 0.74 -1.66
CA ARG A 14 1.12 1.01 -2.31
C ARG A 14 1.87 2.11 -1.53
N ILE A 15 1.16 2.87 -0.74
CA ILE A 15 1.82 3.96 0.05
C ILE A 15 1.74 3.68 1.57
N LEU A 16 0.55 3.41 2.01
CA LEU A 16 0.23 3.13 3.44
C LEU A 16 1.25 2.18 4.06
N GLN A 17 1.00 0.93 3.85
CA GLN A 17 1.95 -0.05 4.42
C GLN A 17 3.17 -0.11 3.56
N GLN A 18 3.26 0.67 2.51
CA GLN A 18 4.53 0.50 1.73
C GLN A 18 5.60 1.39 2.33
N LEU A 19 5.13 2.45 2.92
CA LEU A 19 6.09 3.40 3.54
C LEU A 19 6.38 2.88 4.91
N LEU A 20 5.39 2.24 5.45
CA LEU A 20 5.56 1.68 6.81
C LEU A 20 6.42 0.44 6.69
N PHE A 21 6.20 -0.36 5.70
CA PHE A 21 7.03 -1.59 5.57
C PHE A 21 8.44 -1.18 5.35
N ILE A 22 8.64 -0.09 4.67
CA ILE A 22 10.07 0.26 4.48
C ILE A 22 10.58 1.03 5.67
N HIS A 23 9.71 1.74 6.32
CA HIS A 23 10.23 2.51 7.49
C HIS A 23 10.64 1.47 8.53
N PHE A 24 9.77 0.49 8.60
CA PHE A 24 9.96 -0.65 9.56
C PHE A 24 11.05 -1.61 9.14
N ARG A 25 11.02 -2.04 7.90
CA ARG A 25 12.06 -2.99 7.41
C ARG A 25 13.45 -2.44 7.69
N ILE A 26 13.60 -1.15 7.50
CA ILE A 26 14.92 -0.51 7.75
C ILE A 26 15.10 -0.30 9.27
N GLY A 27 14.05 0.13 9.91
CA GLY A 27 14.12 0.38 11.39
C GLY A 27 14.28 1.87 11.68
N NH2 A 28 13.57 2.71 11.00
HN1 NH2 A 28 12.94 2.38 10.32
HN2 NH2 A 28 13.67 3.67 11.19
C ACE A 1 -17.49 -4.20 -9.70
O ACE A 1 -17.52 -5.19 -9.01
CH3 ACE A 1 -18.08 -2.88 -9.21
H1 ACE A 1 -17.36 -2.10 -9.31
H2 ACE A 1 -18.37 -3.00 -8.17
H3 ACE A 1 -18.96 -2.65 -9.79
N TYR A 2 -16.96 -4.18 -10.90
CA TYR A 2 -16.35 -5.43 -11.47
C TYR A 2 -14.95 -5.63 -10.86
N GLY A 3 -14.91 -5.75 -9.56
CA GLY A 3 -13.63 -5.95 -8.78
C GLY A 3 -12.47 -5.00 -9.13
N ASP A 4 -12.68 -4.05 -10.00
CA ASP A 4 -11.59 -3.11 -10.38
C ASP A 4 -11.46 -2.07 -9.28
N THR A 5 -12.32 -2.18 -8.32
CA THR A 5 -12.33 -1.24 -7.18
C THR A 5 -11.01 -1.34 -6.49
N TRP A 6 -10.67 -2.57 -6.48
CA TRP A 6 -9.39 -2.95 -5.86
C TRP A 6 -8.19 -2.25 -6.51
N ALA A 7 -8.40 -1.77 -7.71
CA ALA A 7 -7.28 -1.07 -8.42
C ALA A 7 -7.01 0.24 -7.66
N GLY A 8 -8.06 0.79 -7.11
CA GLY A 8 -7.96 2.05 -6.34
C GLY A 8 -7.35 1.65 -5.02
N VAL A 9 -7.83 0.56 -4.49
CA VAL A 9 -7.31 0.06 -3.20
C VAL A 9 -5.77 -0.06 -3.28
N GLU A 10 -5.28 -0.62 -4.37
CA GLU A 10 -3.79 -0.72 -4.44
C GLU A 10 -3.12 0.64 -4.40
N ALA A 11 -3.83 1.67 -4.77
CA ALA A 11 -3.18 3.01 -4.75
C ALA A 11 -2.94 3.45 -3.30
N ILE A 12 -3.59 2.75 -2.41
CA ILE A 12 -3.48 3.05 -0.96
C ILE A 12 -2.33 2.19 -0.39
N ILE A 13 -2.47 0.91 -0.60
CA ILE A 13 -1.45 -0.03 -0.09
C ILE A 13 -0.10 0.35 -0.70
N ARG A 14 -0.11 0.80 -1.94
CA ARG A 14 1.20 1.16 -2.55
C ARG A 14 1.87 2.33 -1.85
N ILE A 15 1.14 3.03 -1.01
CA ILE A 15 1.78 4.16 -0.30
C ILE A 15 1.50 4.15 1.20
N LEU A 16 0.82 3.12 1.62
CA LEU A 16 0.49 2.96 3.05
C LEU A 16 1.51 1.98 3.58
N GLN A 17 1.20 0.72 3.55
CA GLN A 17 2.20 -0.23 4.07
C GLN A 17 3.48 -0.24 3.23
N GLN A 18 3.53 0.50 2.15
CA GLN A 18 4.80 0.46 1.37
C GLN A 18 5.79 1.38 2.07
N LEU A 19 5.23 2.36 2.73
CA LEU A 19 6.09 3.35 3.45
C LEU A 19 6.36 2.78 4.83
N LEU A 20 5.37 2.14 5.33
CA LEU A 20 5.50 1.53 6.67
C LEU A 20 6.43 0.36 6.60
N PHE A 21 6.35 -0.42 5.57
CA PHE A 21 7.23 -1.60 5.47
C PHE A 21 8.63 -1.10 5.35
N ILE A 22 8.83 0.02 4.70
CA ILE A 22 10.24 0.43 4.61
C ILE A 22 10.65 1.20 5.84
N HIS A 23 9.67 1.82 6.45
CA HIS A 23 10.02 2.59 7.68
C HIS A 23 10.39 1.58 8.76
N PHE A 24 9.61 0.54 8.73
CA PHE A 24 9.77 -0.59 9.70
C PHE A 24 10.90 -1.56 9.38
N ARG A 25 10.96 -1.99 8.15
CA ARG A 25 12.02 -2.95 7.76
C ARG A 25 13.42 -2.46 8.18
N ILE A 26 13.61 -1.17 8.17
CA ILE A 26 14.94 -0.62 8.56
C ILE A 26 15.06 -0.56 10.10
N GLY A 27 13.93 -0.59 10.75
CA GLY A 27 13.87 -0.54 12.24
C GLY A 27 12.52 0.03 12.70
N NH2 A 28 11.89 0.88 11.95
HN1 NH2 A 28 12.25 1.16 11.08
HN2 NH2 A 28 11.04 1.24 12.25
C ACE A 1 -8.59 -7.53 -8.23
O ACE A 1 -9.25 -6.77 -7.55
CH3 ACE A 1 -8.20 -8.90 -7.71
H1 ACE A 1 -7.20 -8.87 -7.31
H2 ACE A 1 -8.26 -9.63 -8.51
H3 ACE A 1 -8.90 -9.19 -6.93
N TYR A 2 -8.17 -7.22 -9.43
CA TYR A 2 -8.49 -5.89 -10.06
C TYR A 2 -9.96 -5.82 -10.53
N GLY A 3 -10.86 -5.97 -9.61
CA GLY A 3 -12.33 -5.92 -9.93
C GLY A 3 -12.79 -4.61 -10.58
N ASP A 4 -12.13 -3.54 -10.24
CA ASP A 4 -12.42 -2.15 -10.76
C ASP A 4 -12.25 -1.22 -9.58
N THR A 5 -13.10 -1.39 -8.61
CA THR A 5 -13.02 -0.53 -7.41
C THR A 5 -11.71 -0.78 -6.71
N TRP A 6 -11.40 -2.03 -6.84
CA TRP A 6 -10.16 -2.52 -6.24
C TRP A 6 -8.94 -1.81 -6.82
N ALA A 7 -9.10 -1.24 -7.98
CA ALA A 7 -7.93 -0.54 -8.59
C ALA A 7 -7.61 0.67 -7.70
N GLY A 8 -8.63 1.18 -7.07
CA GLY A 8 -8.43 2.36 -6.17
C GLY A 8 -7.71 1.81 -4.97
N VAL A 9 -8.29 0.76 -4.45
CA VAL A 9 -7.73 0.08 -3.25
C VAL A 9 -6.21 -0.15 -3.42
N GLU A 10 -5.88 -0.74 -4.53
CA GLU A 10 -4.45 -1.05 -4.84
C GLU A 10 -3.58 0.21 -4.83
N ALA A 11 -4.17 1.32 -5.08
CA ALA A 11 -3.35 2.58 -5.09
C ALA A 11 -3.04 2.97 -3.64
N ILE A 12 -3.91 2.54 -2.77
CA ILE A 12 -3.74 2.84 -1.32
C ILE A 12 -2.66 1.93 -0.75
N ILE A 13 -2.92 0.65 -0.88
CA ILE A 13 -1.96 -0.38 -0.38
C ILE A 13 -0.60 -0.07 -0.96
N ARG A 14 -0.56 0.28 -2.22
CA ARG A 14 0.76 0.59 -2.84
C ARG A 14 1.59 1.60 -2.04
N ILE A 15 0.96 2.49 -1.31
CA ILE A 15 1.72 3.49 -0.50
C ILE A 15 1.54 3.21 1.00
N LEU A 16 0.78 2.19 1.30
CA LEU A 16 0.52 1.81 2.72
C LEU A 16 1.81 1.26 3.34
N GLN A 17 1.92 -0.03 3.47
CA GLN A 17 3.16 -0.56 4.07
C GLN A 17 4.39 -0.28 3.20
N GLN A 18 4.23 0.39 2.10
CA GLN A 18 5.43 0.67 1.27
C GLN A 18 6.33 1.60 2.06
N LEU A 19 5.73 2.51 2.77
CA LEU A 19 6.51 3.49 3.59
C LEU A 19 6.94 2.87 4.91
N LEU A 20 6.13 1.94 5.29
CA LEU A 20 6.34 1.20 6.56
C LEU A 20 7.43 0.23 6.29
N PHE A 21 7.54 -0.21 5.08
CA PHE A 21 8.59 -1.18 4.79
C PHE A 21 9.87 -0.53 5.16
N ILE A 22 10.03 0.73 4.86
CA ILE A 22 11.34 1.27 5.27
C ILE A 22 11.29 1.87 6.65
N HIS A 23 10.10 2.21 7.07
CA HIS A 23 9.94 2.82 8.42
C HIS A 23 9.78 1.73 9.48
N PHE A 24 9.66 0.50 9.04
CA PHE A 24 9.50 -0.64 9.99
C PHE A 24 10.73 -1.54 9.83
N ARG A 25 11.10 -1.83 8.61
CA ARG A 25 12.31 -2.69 8.38
C ARG A 25 13.54 -2.18 9.14
N ILE A 26 13.73 -0.89 9.13
CA ILE A 26 14.90 -0.29 9.85
C ILE A 26 14.66 -0.27 11.37
N GLY A 27 13.45 -0.57 11.72
CA GLY A 27 13.03 -0.61 13.16
C GLY A 27 11.65 0.03 13.28
N NH2 A 28 11.30 0.89 12.38
HN1 NH2 A 28 11.92 1.11 11.66
HN2 NH2 A 28 10.42 1.32 12.42
C ACE A 1 -17.65 -5.19 -9.99
O ACE A 1 -17.21 -6.24 -10.41
CH3 ACE A 1 -18.29 -4.19 -10.93
H1 ACE A 1 -18.22 -4.58 -11.94
H2 ACE A 1 -17.78 -3.23 -10.87
H3 ACE A 1 -19.32 -4.07 -10.67
N TYR A 2 -17.62 -4.86 -8.73
CA TYR A 2 -17.03 -5.72 -7.66
C TYR A 2 -15.55 -6.09 -7.75
N GLY A 3 -15.02 -5.99 -8.93
CA GLY A 3 -13.59 -6.32 -9.24
C GLY A 3 -12.92 -5.27 -10.07
N ASP A 4 -13.18 -4.04 -9.72
CA ASP A 4 -12.56 -2.90 -10.48
C ASP A 4 -12.19 -1.79 -9.52
N THR A 5 -13.01 -1.66 -8.51
CA THR A 5 -12.79 -0.60 -7.48
C THR A 5 -11.52 -0.85 -6.75
N TRP A 6 -11.25 -2.11 -6.74
CA TRP A 6 -10.04 -2.55 -6.06
C TRP A 6 -8.79 -1.93 -6.69
N ALA A 7 -8.92 -1.49 -7.90
CA ALA A 7 -7.73 -0.87 -8.56
C ALA A 7 -7.39 0.41 -7.78
N GLY A 8 -8.42 0.99 -7.23
CA GLY A 8 -8.26 2.24 -6.43
C GLY A 8 -7.58 1.78 -5.16
N VAL A 9 -8.15 0.77 -4.57
CA VAL A 9 -7.60 0.22 -3.31
C VAL A 9 -6.09 -0.01 -3.44
N GLU A 10 -5.73 -0.66 -4.51
CA GLU A 10 -4.28 -0.94 -4.76
C GLU A 10 -3.46 0.33 -4.80
N ALA A 11 -4.05 1.42 -5.17
CA ALA A 11 -3.26 2.69 -5.24
C ALA A 11 -2.98 3.18 -3.82
N ILE A 12 -3.86 2.76 -2.95
CA ILE A 12 -3.74 3.15 -1.51
C ILE A 12 -2.74 2.23 -0.84
N ILE A 13 -2.98 0.95 -0.98
CA ILE A 13 -2.06 -0.04 -0.36
C ILE A 13 -0.69 0.22 -0.95
N ARG A 14 -0.64 0.61 -2.19
CA ARG A 14 0.68 0.89 -2.83
C ARG A 14 1.57 1.84 -2.05
N ILE A 15 1.00 2.68 -1.22
CA ILE A 15 1.86 3.61 -0.41
C ILE A 15 1.49 3.48 1.06
N LEU A 16 1.04 2.29 1.39
CA LEU A 16 0.64 2.01 2.78
C LEU A 16 1.82 1.28 3.44
N GLN A 17 1.73 -0.02 3.47
CA GLN A 17 2.85 -0.79 4.10
C GLN A 17 4.21 -0.60 3.42
N GLN A 18 4.24 0.19 2.38
CA GLN A 18 5.52 0.44 1.67
C GLN A 18 6.32 1.40 2.57
N LEU A 19 5.59 2.31 3.16
CA LEU A 19 6.20 3.33 4.05
C LEU A 19 6.60 2.66 5.34
N LEU A 20 5.75 1.77 5.73
CA LEU A 20 6.02 1.02 6.97
C LEU A 20 7.11 0.04 6.72
N PHE A 21 7.16 -0.51 5.56
CA PHE A 21 8.22 -1.50 5.28
C PHE A 21 9.51 -0.74 5.40
N ILE A 22 9.55 0.45 4.92
CA ILE A 22 10.86 1.13 5.05
C ILE A 22 11.06 1.80 6.40
N HIS A 23 9.96 2.10 7.01
CA HIS A 23 10.02 2.77 8.35
C HIS A 23 10.16 1.77 9.49
N PHE A 24 9.74 0.57 9.20
CA PHE A 24 9.79 -0.54 10.21
C PHE A 24 10.93 -1.51 9.95
N ARG A 25 11.15 -1.81 8.72
CA ARG A 25 12.25 -2.76 8.37
C ARG A 25 13.60 -2.10 8.59
N ILE A 26 13.73 -0.88 8.15
CA ILE A 26 15.03 -0.16 8.33
C ILE A 26 15.12 0.38 9.78
N GLY A 27 13.98 0.70 10.32
CA GLY A 27 13.93 1.24 11.72
C GLY A 27 13.02 0.39 12.58
N NH2 A 28 11.74 0.62 12.60
HN1 NH2 A 28 11.35 1.34 12.06
HN2 NH2 A 28 11.17 0.05 13.15
C ACE A 1 -17.81 -6.70 -13.15
O ACE A 1 -18.40 -6.40 -12.15
CH3 ACE A 1 -17.92 -8.11 -13.72
H1 ACE A 1 -18.58 -8.69 -13.09
H2 ACE A 1 -16.95 -8.58 -13.75
H3 ACE A 1 -18.35 -8.07 -14.72
N TYR A 2 -17.03 -5.88 -13.82
CA TYR A 2 -16.80 -4.45 -13.39
C TYR A 2 -16.23 -4.22 -12.00
N GLY A 3 -16.09 -5.27 -11.25
CA GLY A 3 -15.54 -5.20 -9.86
C GLY A 3 -14.04 -4.91 -9.77
N ASP A 4 -13.55 -4.08 -10.65
CA ASP A 4 -12.08 -3.74 -10.64
C ASP A 4 -11.85 -2.52 -9.74
N THR A 5 -12.71 -2.37 -8.75
CA THR A 5 -12.60 -1.22 -7.81
C THR A 5 -11.32 -1.31 -7.03
N TRP A 6 -10.92 -2.54 -6.96
CA TRP A 6 -9.68 -2.84 -6.24
C TRP A 6 -8.48 -2.08 -6.79
N ALA A 7 -8.58 -1.63 -8.01
CA ALA A 7 -7.43 -0.87 -8.59
C ALA A 7 -7.21 0.40 -7.76
N GLY A 8 -8.29 0.86 -7.16
CA GLY A 8 -8.22 2.10 -6.32
C GLY A 8 -7.48 1.67 -5.07
N VAL A 9 -7.98 0.61 -4.49
CA VAL A 9 -7.39 0.05 -3.25
C VAL A 9 -5.87 -0.08 -3.40
N GLU A 10 -5.48 -0.70 -4.47
CA GLU A 10 -4.02 -0.88 -4.70
C GLU A 10 -3.25 0.44 -4.74
N ALA A 11 -3.93 1.51 -5.03
CA ALA A 11 -3.21 2.82 -5.09
C ALA A 11 -3.03 3.34 -3.66
N ILE A 12 -3.82 2.79 -2.78
CA ILE A 12 -3.76 3.21 -1.35
C ILE A 12 -2.71 2.32 -0.68
N ILE A 13 -2.84 1.03 -0.87
CA ILE A 13 -1.89 0.08 -0.25
C ILE A 13 -0.47 0.39 -0.74
N ARG A 14 -0.33 0.72 -2.00
CA ARG A 14 1.04 1.03 -2.53
C ARG A 14 1.72 2.08 -1.63
N ILE A 15 0.93 2.97 -1.09
CA ILE A 15 1.52 4.02 -0.21
C ILE A 15 1.00 3.90 1.23
N LEU A 16 0.57 2.72 1.55
CA LEU A 16 0.06 2.50 2.92
C LEU A 16 1.26 1.94 3.67
N GLN A 17 1.21 0.71 4.10
CA GLN A 17 2.38 0.17 4.83
C GLN A 17 3.61 0.00 3.94
N GLN A 18 3.68 0.66 2.81
CA GLN A 18 4.89 0.46 1.96
C GLN A 18 6.00 1.33 2.57
N LEU A 19 5.59 2.49 3.03
CA LEU A 19 6.54 3.46 3.64
C LEU A 19 6.86 2.95 5.03
N LEU A 20 5.85 2.35 5.58
CA LEU A 20 5.99 1.78 6.93
C LEU A 20 6.78 0.52 6.85
N PHE A 21 6.59 -0.23 5.81
CA PHE A 21 7.34 -1.50 5.69
C PHE A 21 8.77 -1.12 5.55
N ILE A 22 9.05 -0.06 4.86
CA ILE A 22 10.48 0.25 4.76
C ILE A 22 10.95 0.97 6.01
N HIS A 23 10.05 1.70 6.61
CA HIS A 23 10.46 2.42 7.85
C HIS A 23 10.75 1.39 8.92
N PHE A 24 9.98 0.35 8.86
CA PHE A 24 10.10 -0.78 9.84
C PHE A 24 11.26 -1.70 9.45
N ARG A 25 11.31 -2.06 8.18
CA ARG A 25 12.40 -2.96 7.69
C ARG A 25 13.76 -2.43 8.14
N ILE A 26 13.93 -1.14 8.05
CA ILE A 26 15.22 -0.51 8.47
C ILE A 26 15.15 0.10 9.89
N GLY A 27 14.04 0.69 10.23
CA GLY A 27 13.89 1.32 11.59
C GLY A 27 13.70 0.28 12.69
N NH2 A 28 14.46 -0.78 12.71
HN1 NH2 A 28 15.14 -0.89 12.01
HN2 NH2 A 28 14.34 -1.44 13.41
C ACE A 1 -16.07 -5.12 -13.02
O ACE A 1 -16.92 -4.94 -12.16
CH3 ACE A 1 -15.66 -3.98 -13.95
H1 ACE A 1 -14.65 -3.67 -13.70
H2 ACE A 1 -16.34 -3.17 -13.83
H3 ACE A 1 -15.68 -4.34 -14.97
N TYR A 2 -15.48 -6.26 -13.19
CA TYR A 2 -15.82 -7.44 -12.33
C TYR A 2 -15.20 -7.27 -10.93
N GLY A 3 -15.68 -6.29 -10.21
CA GLY A 3 -15.17 -6.03 -8.82
C GLY A 3 -13.69 -5.63 -8.91
N ASP A 4 -13.35 -5.03 -10.01
CA ASP A 4 -11.94 -4.58 -10.26
C ASP A 4 -11.76 -3.23 -9.56
N THR A 5 -12.33 -3.15 -8.39
CA THR A 5 -12.23 -1.89 -7.61
C THR A 5 -10.97 -1.83 -6.78
N TRP A 6 -10.49 -3.02 -6.56
CA TRP A 6 -9.25 -3.14 -5.76
C TRP A 6 -8.08 -2.37 -6.34
N ALA A 7 -8.16 -2.04 -7.60
CA ALA A 7 -7.02 -1.25 -8.20
C ALA A 7 -6.91 0.09 -7.46
N GLY A 8 -8.03 0.52 -6.95
CA GLY A 8 -8.08 1.81 -6.21
C GLY A 8 -7.36 1.55 -4.89
N VAL A 9 -7.77 0.50 -4.25
CA VAL A 9 -7.16 0.11 -2.95
C VAL A 9 -5.63 0.04 -3.10
N GLU A 10 -5.20 -0.62 -4.13
CA GLU A 10 -3.72 -0.74 -4.35
C GLU A 10 -3.04 0.62 -4.43
N ALA A 11 -3.77 1.62 -4.84
CA ALA A 11 -3.14 2.97 -4.94
C ALA A 11 -2.87 3.54 -3.54
N ILE A 12 -3.54 2.95 -2.60
CA ILE A 12 -3.40 3.37 -1.17
C ILE A 12 -2.29 2.57 -0.53
N ILE A 13 -2.41 1.27 -0.68
CA ILE A 13 -1.39 0.39 -0.08
C ILE A 13 -0.05 0.77 -0.70
N ARG A 14 -0.05 1.12 -1.97
CA ARG A 14 1.25 1.50 -2.61
C ARG A 14 1.98 2.60 -1.84
N ILE A 15 1.29 3.27 -0.94
CA ILE A 15 1.97 4.33 -0.16
C ILE A 15 1.86 4.05 1.36
N LEU A 16 0.65 3.75 1.76
CA LEU A 16 0.29 3.46 3.18
C LEU A 16 1.29 2.52 3.82
N GLN A 17 1.09 1.26 3.67
CA GLN A 17 2.07 0.36 4.30
C GLN A 17 3.30 0.27 3.43
N GLN A 18 3.34 1.02 2.36
CA GLN A 18 4.57 0.89 1.52
C GLN A 18 5.70 1.66 2.22
N LEU A 19 5.32 2.74 2.83
CA LEU A 19 6.35 3.55 3.54
C LEU A 19 6.55 2.95 4.91
N LEU A 20 5.53 2.33 5.41
CA LEU A 20 5.62 1.71 6.75
C LEU A 20 6.39 0.42 6.65
N PHE A 21 6.20 -0.31 5.60
CA PHE A 21 6.91 -1.59 5.45
C PHE A 21 8.37 -1.30 5.34
N ILE A 22 8.69 -0.19 4.73
CA ILE A 22 10.13 0.06 4.63
C ILE A 22 10.62 0.74 5.88
N HIS A 23 9.75 1.49 6.50
CA HIS A 23 10.23 2.16 7.74
C HIS A 23 10.50 1.05 8.75
N PHE A 24 9.58 0.14 8.73
CA PHE A 24 9.66 -1.04 9.66
C PHE A 24 10.76 -1.99 9.24
N ARG A 25 10.77 -2.36 8.00
CA ARG A 25 11.83 -3.30 7.51
C ARG A 25 13.21 -2.74 7.82
N ILE A 26 13.35 -1.46 7.66
CA ILE A 26 14.67 -0.81 7.94
C ILE A 26 14.74 -0.37 9.42
N GLY A 27 13.62 -0.38 10.08
CA GLY A 27 13.54 0.01 11.52
C GLY A 27 13.56 1.54 11.62
N NH2 A 28 14.47 2.19 10.96
HN1 NH2 A 28 15.12 1.69 10.42
HN2 NH2 A 28 14.49 3.16 11.01
C ACE A 1 -18.25 -5.99 -11.12
O ACE A 1 -18.39 -7.19 -11.17
CH3 ACE A 1 -18.39 -5.17 -12.40
H1 ACE A 1 -19.10 -4.37 -12.24
H2 ACE A 1 -18.75 -5.80 -13.19
H3 ACE A 1 -17.44 -4.76 -12.69
N TYR A 2 -17.97 -5.29 -10.05
CA TYR A 2 -17.77 -5.88 -8.67
C TYR A 2 -16.33 -6.39 -8.54
N GLY A 3 -15.51 -5.61 -7.88
CA GLY A 3 -14.07 -6.00 -7.70
C GLY A 3 -13.10 -5.00 -8.35
N ASP A 4 -13.64 -4.17 -9.19
CA ASP A 4 -12.81 -3.14 -9.89
C ASP A 4 -12.44 -2.09 -8.86
N THR A 5 -13.14 -2.17 -7.76
CA THR A 5 -12.95 -1.23 -6.64
C THR A 5 -11.56 -1.34 -6.10
N TRP A 6 -11.11 -2.54 -6.24
CA TRP A 6 -9.76 -2.82 -5.75
C TRP A 6 -8.68 -2.05 -6.49
N ALA A 7 -9.01 -1.54 -7.66
CA ALA A 7 -7.96 -0.78 -8.40
C ALA A 7 -7.63 0.49 -7.62
N GLY A 8 -8.62 1.01 -6.95
CA GLY A 8 -8.41 2.25 -6.16
C GLY A 8 -7.60 1.79 -4.95
N VAL A 9 -8.10 0.75 -4.34
CA VAL A 9 -7.43 0.18 -3.15
C VAL A 9 -5.92 0.00 -3.42
N GLU A 10 -5.63 -0.62 -4.53
CA GLU A 10 -4.21 -0.85 -4.90
C GLU A 10 -3.42 0.44 -4.90
N ALA A 11 -4.07 1.52 -5.17
CA ALA A 11 -3.32 2.81 -5.19
C ALA A 11 -2.95 3.21 -3.77
N ILE A 12 -3.77 2.76 -2.88
CA ILE A 12 -3.56 3.06 -1.43
C ILE A 12 -2.47 2.13 -0.89
N ILE A 13 -2.67 0.85 -1.09
CA ILE A 13 -1.67 -0.14 -0.59
C ILE A 13 -0.31 0.18 -1.21
N ARG A 14 -0.33 0.58 -2.47
CA ARG A 14 0.96 0.93 -3.14
C ARG A 14 1.79 1.91 -2.31
N ILE A 15 1.15 2.77 -1.55
CA ILE A 15 1.90 3.75 -0.71
C ILE A 15 1.75 3.49 0.80
N LEU A 16 0.74 2.74 1.16
CA LEU A 16 0.44 2.41 2.59
C LEU A 16 1.64 1.73 3.25
N GLN A 17 1.66 0.41 3.25
CA GLN A 17 2.84 -0.21 3.89
C GLN A 17 4.10 -0.01 3.06
N GLN A 18 4.02 0.73 1.98
CA GLN A 18 5.27 0.90 1.19
C GLN A 18 6.21 1.75 2.04
N LEU A 19 5.64 2.71 2.71
CA LEU A 19 6.45 3.61 3.58
C LEU A 19 6.79 2.92 4.88
N LEU A 20 5.94 1.99 5.19
CA LEU A 20 6.10 1.21 6.43
C LEU A 20 7.15 0.21 6.17
N PHE A 21 7.30 -0.19 4.95
CA PHE A 21 8.34 -1.19 4.67
C PHE A 21 9.63 -0.64 5.13
N ILE A 22 9.84 0.63 4.86
CA ILE A 22 11.15 1.13 5.34
C ILE A 22 11.06 1.63 6.75
N HIS A 23 9.88 1.98 7.15
CA HIS A 23 9.71 2.49 8.53
C HIS A 23 9.67 1.28 9.49
N PHE A 24 9.47 0.13 8.92
CA PHE A 24 9.41 -1.14 9.73
C PHE A 24 10.69 -1.93 9.53
N ARG A 25 11.19 -2.01 8.31
CA ARG A 25 12.46 -2.79 8.10
C ARG A 25 13.57 -2.33 9.06
N ILE A 26 13.56 -1.07 9.39
CA ILE A 26 14.59 -0.49 10.32
C ILE A 26 14.31 -0.88 11.79
N GLY A 27 13.12 -1.39 12.00
CA GLY A 27 12.68 -1.82 13.36
C GLY A 27 11.17 -2.03 13.39
N NH2 A 28 10.38 -1.16 12.83
HN1 NH2 A 28 10.75 -0.37 12.39
HN2 NH2 A 28 9.42 -1.33 12.88
C ACE A 1 -18.31 -5.87 -9.17
O ACE A 1 -17.79 -6.47 -10.09
CH3 ACE A 1 -19.84 -5.88 -9.03
H1 ACE A 1 -20.19 -4.86 -8.93
H2 ACE A 1 -20.11 -6.44 -8.15
H3 ACE A 1 -20.28 -6.33 -9.90
N TYR A 2 -17.66 -5.20 -8.25
CA TYR A 2 -16.16 -5.05 -8.21
C TYR A 2 -15.62 -4.15 -9.30
N GLY A 3 -15.87 -4.66 -10.46
CA GLY A 3 -15.48 -4.04 -11.76
C GLY A 3 -13.97 -3.82 -11.79
N ASP A 4 -13.56 -2.77 -11.12
CA ASP A 4 -12.12 -2.40 -11.04
C ASP A 4 -11.90 -1.25 -10.03
N THR A 5 -12.85 -0.97 -9.17
CA THR A 5 -12.63 0.16 -8.21
C THR A 5 -11.56 -0.18 -7.22
N TRP A 6 -11.38 -1.45 -7.14
CA TRP A 6 -10.36 -1.95 -6.22
C TRP A 6 -8.95 -1.48 -6.62
N ALA A 7 -8.81 -1.09 -7.85
CA ALA A 7 -7.47 -0.60 -8.31
C ALA A 7 -7.14 0.68 -7.52
N GLY A 8 -8.18 1.38 -7.16
CA GLY A 8 -7.99 2.66 -6.41
C GLY A 8 -7.64 2.31 -4.96
N VAL A 9 -8.12 1.16 -4.56
CA VAL A 9 -7.88 0.66 -3.20
C VAL A 9 -6.43 0.17 -3.11
N GLU A 10 -6.04 -0.72 -3.99
CA GLU A 10 -4.63 -1.21 -3.92
C GLU A 10 -3.63 -0.07 -4.00
N ALA A 11 -4.03 1.06 -4.53
CA ALA A 11 -3.07 2.21 -4.61
C ALA A 11 -2.68 2.62 -3.19
N ILE A 12 -3.59 2.37 -2.31
CA ILE A 12 -3.38 2.70 -0.87
C ILE A 12 -2.37 1.68 -0.34
N ILE A 13 -2.71 0.43 -0.52
CA ILE A 13 -1.87 -0.72 -0.08
C ILE A 13 -0.44 -0.50 -0.60
N ARG A 14 -0.47 -0.18 -1.87
CA ARG A 14 0.74 0.09 -2.68
C ARG A 14 1.68 1.08 -2.00
N ILE A 15 1.16 1.93 -1.17
CA ILE A 15 2.00 2.93 -0.46
C ILE A 15 2.07 2.58 1.05
N LEU A 16 0.99 1.99 1.48
CA LEU A 16 0.73 1.55 2.88
C LEU A 16 1.88 0.76 3.43
N GLN A 17 2.07 -0.37 2.81
CA GLN A 17 3.18 -1.20 3.28
C GLN A 17 4.46 -0.76 2.63
N GLN A 18 4.35 0.17 1.73
CA GLN A 18 5.61 0.64 1.09
C GLN A 18 6.26 1.67 1.99
N LEU A 19 5.44 2.36 2.75
CA LEU A 19 6.00 3.38 3.67
C LEU A 19 6.29 2.69 4.97
N LEU A 20 5.45 1.74 5.27
CA LEU A 20 5.65 0.99 6.54
C LEU A 20 6.79 0.06 6.38
N PHE A 21 6.94 -0.58 5.25
CA PHE A 21 8.08 -1.52 5.15
C PHE A 21 9.33 -0.72 5.33
N ILE A 22 9.33 0.47 4.81
CA ILE A 22 10.58 1.23 5.00
C ILE A 22 10.66 1.93 6.34
N HIS A 23 9.51 2.21 6.88
CA HIS A 23 9.49 2.90 8.20
C HIS A 23 9.78 1.88 9.29
N PHE A 24 9.46 0.66 8.97
CA PHE A 24 9.68 -0.44 9.94
C PHE A 24 11.03 -1.10 9.73
N ARG A 25 11.29 -1.48 8.50
CA ARG A 25 12.59 -2.15 8.19
C ARG A 25 13.84 -1.45 8.71
N ILE A 26 13.87 -0.15 8.62
CA ILE A 26 15.06 0.62 9.12
C ILE A 26 15.04 0.82 10.63
N GLY A 27 13.90 0.54 11.22
CA GLY A 27 13.74 0.71 12.69
C GLY A 27 12.41 1.39 12.98
N NH2 A 28 11.33 0.87 12.49
HN1 NH2 A 28 11.39 0.04 11.95
HN2 NH2 A 28 10.47 1.30 12.65
C ACE A 1 -16.82 -4.63 -13.88
O ACE A 1 -16.59 -3.54 -13.40
CH3 ACE A 1 -15.96 -5.20 -14.99
H1 ACE A 1 -16.44 -5.01 -15.94
H2 ACE A 1 -15.82 -6.26 -14.84
H3 ACE A 1 -15.00 -4.71 -14.98
N TYR A 2 -17.82 -5.38 -13.47
CA TYR A 2 -18.72 -4.90 -12.38
C TYR A 2 -18.06 -5.00 -10.98
N GLY A 3 -16.93 -4.37 -10.82
CA GLY A 3 -16.25 -4.42 -9.48
C GLY A 3 -14.74 -4.17 -9.49
N ASP A 4 -14.27 -3.34 -10.39
CA ASP A 4 -12.79 -3.07 -10.44
C ASP A 4 -12.45 -1.97 -9.42
N THR A 5 -13.25 -1.89 -8.40
CA THR A 5 -13.10 -0.88 -7.32
C THR A 5 -11.78 -1.05 -6.65
N TRP A 6 -11.35 -2.26 -6.78
CA TRP A 6 -10.08 -2.63 -6.19
C TRP A 6 -8.91 -1.84 -6.76
N ALA A 7 -9.08 -1.29 -7.93
CA ALA A 7 -7.96 -0.50 -8.52
C ALA A 7 -7.68 0.71 -7.60
N GLY A 8 -8.73 1.14 -6.96
CA GLY A 8 -8.60 2.30 -6.03
C GLY A 8 -7.83 1.77 -4.84
N VAL A 9 -8.32 0.68 -4.33
CA VAL A 9 -7.69 0.03 -3.15
C VAL A 9 -6.18 -0.14 -3.37
N GLU A 10 -5.82 -0.67 -4.51
CA GLU A 10 -4.35 -0.85 -4.76
C GLU A 10 -3.59 0.47 -4.76
N ALA A 11 -4.26 1.55 -4.98
CA ALA A 11 -3.52 2.86 -4.99
C ALA A 11 -3.18 3.22 -3.55
N ILE A 12 -3.98 2.67 -2.69
CA ILE A 12 -3.80 2.93 -1.23
C ILE A 12 -2.70 2.01 -0.73
N ILE A 13 -2.92 0.74 -0.92
CA ILE A 13 -1.91 -0.24 -0.45
C ILE A 13 -0.53 0.07 -1.04
N ARG A 14 -0.49 0.46 -2.30
CA ARG A 14 0.84 0.75 -2.92
C ARG A 14 1.60 1.81 -2.10
N ILE A 15 0.91 2.68 -1.42
CA ILE A 15 1.64 3.70 -0.62
C ILE A 15 1.37 3.49 0.88
N LEU A 16 0.99 2.28 1.16
CA LEU A 16 0.69 1.89 2.56
C LEU A 16 1.96 1.27 3.12
N GLN A 17 2.04 -0.04 3.14
CA GLN A 17 3.28 -0.63 3.70
C GLN A 17 4.52 -0.35 2.88
N GLN A 18 4.38 0.37 1.80
CA GLN A 18 5.61 0.64 1.00
C GLN A 18 6.50 1.56 1.80
N LEU A 19 5.91 2.49 2.50
CA LEU A 19 6.75 3.43 3.30
C LEU A 19 7.06 2.84 4.67
N LEU A 20 6.19 1.94 5.06
CA LEU A 20 6.34 1.27 6.37
C LEU A 20 7.38 0.23 6.19
N PHE A 21 7.53 -0.26 5.01
CA PHE A 21 8.55 -1.29 4.82
C PHE A 21 9.83 -0.71 5.26
N ILE A 22 10.08 0.52 4.88
CA ILE A 22 11.39 1.03 5.34
C ILE A 22 11.28 1.71 6.69
N HIS A 23 10.09 2.11 7.01
CA HIS A 23 9.91 2.79 8.32
C HIS A 23 9.73 1.73 9.41
N PHE A 24 9.56 0.49 9.00
CA PHE A 24 9.38 -0.62 10.00
C PHE A 24 10.64 -1.48 9.95
N ARG A 25 11.07 -1.84 8.76
CA ARG A 25 12.30 -2.70 8.61
C ARG A 25 13.50 -2.23 9.47
N ILE A 26 13.62 -0.95 9.62
CA ILE A 26 14.76 -0.39 10.43
C ILE A 26 14.47 -0.38 11.94
N GLY A 27 13.21 -0.45 12.28
CA GLY A 27 12.80 -0.44 13.73
C GLY A 27 12.57 -1.85 14.28
N NH2 A 28 12.02 -2.74 13.51
HN1 NH2 A 28 11.77 -2.50 12.59
HN2 NH2 A 28 11.88 -3.64 13.85
C ACE A 1 -18.91 -5.84 -11.67
O ACE A 1 -18.90 -6.37 -10.57
CH3 ACE A 1 -19.56 -6.54 -12.85
H1 ACE A 1 -18.78 -6.90 -13.52
H2 ACE A 1 -20.21 -5.86 -13.36
H3 ACE A 1 -20.13 -7.38 -12.50
N TYR A 2 -18.37 -4.67 -11.90
CA TYR A 2 -17.69 -3.87 -10.82
C TYR A 2 -16.65 -4.60 -9.95
N GLY A 3 -16.08 -5.66 -10.44
CA GLY A 3 -15.06 -6.42 -9.63
C GLY A 3 -13.66 -5.81 -9.77
N ASP A 4 -13.61 -4.59 -10.27
CA ASP A 4 -12.29 -3.88 -10.46
C ASP A 4 -12.12 -2.71 -9.49
N THR A 5 -12.55 -2.90 -8.27
CA THR A 5 -12.44 -1.83 -7.24
C THR A 5 -11.09 -1.75 -6.61
N TRP A 6 -10.62 -2.92 -6.43
CA TRP A 6 -9.29 -3.11 -5.81
C TRP A 6 -8.17 -2.26 -6.41
N ALA A 7 -8.35 -1.78 -7.62
CA ALA A 7 -7.28 -0.95 -8.23
C ALA A 7 -7.11 0.34 -7.40
N GLY A 8 -8.22 0.78 -6.86
CA GLY A 8 -8.20 2.02 -6.02
C GLY A 8 -7.42 1.64 -4.78
N VAL A 9 -7.86 0.58 -4.16
CA VAL A 9 -7.22 0.07 -2.93
C VAL A 9 -5.71 -0.02 -3.10
N GLU A 10 -5.28 -0.65 -4.17
CA GLU A 10 -3.81 -0.75 -4.34
C GLU A 10 -3.14 0.61 -4.40
N ALA A 11 -3.83 1.62 -4.83
CA ALA A 11 -3.17 2.95 -4.90
C ALA A 11 -2.87 3.47 -3.49
N ILE A 12 -3.53 2.87 -2.55
CA ILE A 12 -3.36 3.25 -1.13
C ILE A 12 -2.25 2.40 -0.55
N ILE A 13 -2.39 1.11 -0.73
CA ILE A 13 -1.34 0.22 -0.18
C ILE A 13 -0.01 0.58 -0.84
N ARG A 14 -0.06 0.96 -2.09
CA ARG A 14 1.19 1.35 -2.83
C ARG A 14 2.02 2.36 -2.06
N ILE A 15 1.37 3.09 -1.20
CA ILE A 15 2.14 4.11 -0.41
C ILE A 15 2.06 3.85 1.11
N LEU A 16 0.89 3.47 1.54
CA LEU A 16 0.61 3.18 2.97
C LEU A 16 1.56 2.14 3.55
N GLN A 17 1.34 0.91 3.20
CA GLN A 17 2.27 -0.10 3.78
C GLN A 17 3.57 0.01 3.06
N GLN A 18 3.67 0.81 2.04
CA GLN A 18 5.00 0.86 1.38
C GLN A 18 5.93 1.78 2.15
N LEU A 19 5.36 2.74 2.84
CA LEU A 19 6.26 3.64 3.60
C LEU A 19 6.44 3.01 4.98
N LEU A 20 5.43 2.28 5.37
CA LEU A 20 5.48 1.61 6.69
C LEU A 20 6.35 0.39 6.58
N PHE A 21 6.27 -0.34 5.52
CA PHE A 21 7.12 -1.55 5.40
C PHE A 21 8.53 -1.12 5.36
N ILE A 22 8.79 0.02 4.78
CA ILE A 22 10.21 0.39 4.76
C ILE A 22 10.61 1.04 6.05
N HIS A 23 9.67 1.71 6.66
CA HIS A 23 10.05 2.37 7.95
C HIS A 23 10.33 1.27 8.97
N PHE A 24 9.47 0.31 8.87
CA PHE A 24 9.54 -0.89 9.78
C PHE A 24 10.64 -1.86 9.42
N ARG A 25 10.72 -2.21 8.16
CA ARG A 25 11.78 -3.19 7.74
C ARG A 25 13.16 -2.66 8.11
N ILE A 26 13.36 -1.37 7.94
CA ILE A 26 14.69 -0.80 8.30
C ILE A 26 14.77 -0.62 9.82
N GLY A 27 13.70 -0.13 10.42
CA GLY A 27 13.69 0.07 11.90
C GLY A 27 13.87 1.55 12.25
N NH2 A 28 13.14 2.43 11.63
HN1 NH2 A 28 12.51 2.13 10.95
HN2 NH2 A 28 13.27 3.37 11.86
C ACE A 1 -17.40 -4.46 -13.01
O ACE A 1 -16.53 -3.68 -12.65
CH3 ACE A 1 -17.54 -4.83 -14.49
H1 ACE A 1 -17.23 -5.85 -14.63
H2 ACE A 1 -16.90 -4.17 -15.07
H3 ACE A 1 -18.56 -4.70 -14.80
N TYR A 2 -18.25 -5.02 -12.20
CA TYR A 2 -18.18 -4.71 -10.73
C TYR A 2 -17.03 -5.51 -10.09
N GLY A 3 -15.84 -5.18 -10.50
CA GLY A 3 -14.62 -5.88 -9.97
C GLY A 3 -13.40 -5.06 -10.33
N ASP A 4 -13.58 -3.77 -10.24
CA ASP A 4 -12.46 -2.81 -10.57
C ASP A 4 -12.20 -1.85 -9.40
N THR A 5 -12.51 -2.26 -8.20
CA THR A 5 -12.27 -1.35 -7.03
C THR A 5 -10.91 -1.50 -6.43
N TRP A 6 -10.49 -2.70 -6.52
CA TRP A 6 -9.16 -3.05 -5.98
C TRP A 6 -8.02 -2.22 -6.56
N ALA A 7 -8.26 -1.67 -7.72
CA ALA A 7 -7.19 -0.85 -8.36
C ALA A 7 -6.98 0.40 -7.47
N GLY A 8 -8.06 0.81 -6.86
CA GLY A 8 -8.02 2.00 -5.97
C GLY A 8 -7.28 1.52 -4.75
N VAL A 9 -7.71 0.39 -4.26
CA VAL A 9 -7.08 -0.20 -3.05
C VAL A 9 -5.54 -0.25 -3.18
N GLU A 10 -5.06 -0.74 -4.30
CA GLU A 10 -3.57 -0.79 -4.46
C GLU A 10 -2.92 0.59 -4.40
N ALA A 11 -3.67 1.61 -4.69
CA ALA A 11 -3.07 2.97 -4.65
C ALA A 11 -2.83 3.36 -3.20
N ILE A 12 -3.50 2.65 -2.35
CA ILE A 12 -3.40 2.89 -0.90
C ILE A 12 -2.23 2.07 -0.40
N ILE A 13 -2.31 0.77 -0.59
CA ILE A 13 -1.22 -0.12 -0.13
C ILE A 13 0.11 0.35 -0.71
N ARG A 14 0.11 0.79 -1.94
CA ARG A 14 1.39 1.26 -2.56
C ARG A 14 2.03 2.38 -1.77
N ILE A 15 1.26 3.11 -1.02
CA ILE A 15 1.87 4.23 -0.22
C ILE A 15 1.52 4.14 1.27
N LEU A 16 0.71 3.18 1.60
CA LEU A 16 0.30 2.97 3.01
C LEU A 16 1.39 2.10 3.63
N GLN A 17 1.15 0.82 3.63
CA GLN A 17 2.18 -0.06 4.23
C GLN A 17 3.44 -0.08 3.39
N GLN A 18 3.54 0.69 2.34
CA GLN A 18 4.81 0.62 1.56
C GLN A 18 5.80 1.54 2.27
N LEU A 19 5.25 2.58 2.83
CA LEU A 19 6.09 3.58 3.55
C LEU A 19 6.46 2.96 4.86
N LEU A 20 5.51 2.26 5.39
CA LEU A 20 5.76 1.59 6.68
C LEU A 20 6.65 0.44 6.42
N PHE A 21 6.45 -0.25 5.34
CA PHE A 21 7.34 -1.40 5.10
C PHE A 21 8.73 -0.85 5.08
N ILE A 22 8.93 0.27 4.45
CA ILE A 22 10.33 0.73 4.46
C ILE A 22 10.73 1.49 5.71
N HIS A 23 9.74 2.00 6.40
CA HIS A 23 10.04 2.75 7.65
C HIS A 23 10.06 1.80 8.84
N PHE A 24 9.56 0.63 8.61
CA PHE A 24 9.51 -0.41 9.69
C PHE A 24 10.41 -1.60 9.41
N ARG A 25 10.31 -2.15 8.23
CA ARG A 25 11.17 -3.34 7.93
C ARG A 25 12.65 -2.99 7.98
N ILE A 26 12.95 -1.72 7.79
CA ILE A 26 14.37 -1.28 7.84
C ILE A 26 14.75 -0.94 9.30
N GLY A 27 13.76 -0.91 10.15
CA GLY A 27 13.99 -0.60 11.60
C GLY A 27 12.88 0.31 12.12
N NH2 A 28 12.42 1.23 11.34
HN1 NH2 A 28 12.78 1.34 10.44
HN2 NH2 A 28 11.71 1.83 11.65
C ACE A 1 -14.91 -8.20 -6.21
O ACE A 1 -14.74 -7.02 -5.96
CH3 ACE A 1 -16.22 -8.87 -5.84
H1 ACE A 1 -16.73 -9.21 -6.73
H2 ACE A 1 -16.85 -8.17 -5.30
H3 ACE A 1 -16.02 -9.72 -5.20
N TYR A 2 -14.02 -8.94 -6.81
CA TYR A 2 -12.71 -8.34 -7.22
C TYR A 2 -12.81 -7.40 -8.43
N GLY A 3 -14.03 -7.08 -8.79
CA GLY A 3 -14.36 -6.18 -9.95
C GLY A 3 -13.25 -5.25 -10.42
N ASP A 4 -13.06 -4.15 -9.73
CA ASP A 4 -12.00 -3.16 -10.14
C ASP A 4 -11.71 -2.07 -9.12
N THR A 5 -12.54 -1.96 -8.11
CA THR A 5 -12.35 -0.93 -7.06
C THR A 5 -11.01 -1.10 -6.42
N TRP A 6 -10.69 -2.35 -6.48
CA TRP A 6 -9.42 -2.80 -5.91
C TRP A 6 -8.22 -2.09 -6.53
N ALA A 7 -8.40 -1.58 -7.72
CA ALA A 7 -7.27 -0.87 -8.38
C ALA A 7 -6.99 0.40 -7.55
N GLY A 8 -8.06 0.91 -6.99
CA GLY A 8 -7.94 2.14 -6.16
C GLY A 8 -7.25 1.66 -4.91
N VAL A 9 -7.78 0.62 -4.35
CA VAL A 9 -7.21 0.03 -3.11
C VAL A 9 -5.69 -0.13 -3.23
N GLU A 10 -5.24 -0.74 -4.29
CA GLU A 10 -3.77 -0.93 -4.47
C GLU A 10 -2.99 0.38 -4.46
N ALA A 11 -3.64 1.45 -4.83
CA ALA A 11 -2.91 2.76 -4.85
C ALA A 11 -2.65 3.21 -3.40
N ILE A 12 -3.47 2.70 -2.54
CA ILE A 12 -3.37 3.04 -1.10
C ILE A 12 -2.32 2.15 -0.45
N ILE A 13 -2.45 0.88 -0.68
CA ILE A 13 -1.48 -0.07 -0.10
C ILE A 13 -0.10 0.24 -0.67
N ARG A 14 -0.06 0.63 -1.93
CA ARG A 14 1.26 0.95 -2.55
C ARG A 14 2.01 2.03 -1.76
N ILE A 15 1.31 2.82 -0.99
CA ILE A 15 2.04 3.87 -0.21
C ILE A 15 1.92 3.64 1.31
N LEU A 16 0.75 3.24 1.73
CA LEU A 16 0.44 2.97 3.16
C LEU A 16 1.39 1.91 3.71
N GLN A 17 1.08 0.68 3.45
CA GLN A 17 1.99 -0.36 3.98
C GLN A 17 3.31 -0.34 3.27
N GLN A 18 3.44 0.48 2.25
CA GLN A 18 4.76 0.46 1.56
C GLN A 18 5.70 1.46 2.24
N LEU A 19 5.13 2.47 2.87
CA LEU A 19 6.02 3.47 3.53
C LEU A 19 6.33 2.87 4.88
N LEU A 20 5.40 2.09 5.33
CA LEU A 20 5.55 1.42 6.64
C LEU A 20 6.50 0.28 6.48
N PHE A 21 6.43 -0.41 5.38
CA PHE A 21 7.33 -1.55 5.20
C PHE A 21 8.74 -1.04 5.15
N ILE A 22 8.91 0.11 4.57
CA ILE A 22 10.30 0.58 4.54
C ILE A 22 10.66 1.24 5.86
N HIS A 23 9.67 1.81 6.49
CA HIS A 23 10.02 2.47 7.80
C HIS A 23 10.19 1.39 8.86
N PHE A 24 9.52 0.30 8.66
CA PHE A 24 9.58 -0.85 9.62
C PHE A 24 10.78 -1.73 9.29
N ARG A 25 10.95 -2.02 8.03
CA ARG A 25 12.10 -2.88 7.62
C ARG A 25 13.37 -2.21 8.14
N ILE A 26 13.41 -0.91 8.01
CA ILE A 26 14.59 -0.12 8.47
C ILE A 26 14.47 0.36 9.94
N GLY A 27 13.29 0.73 10.36
CA GLY A 27 13.07 1.21 11.76
C GLY A 27 12.46 0.16 12.67
N NH2 A 28 12.41 -1.08 12.30
HN1 NH2 A 28 12.77 -1.35 11.42
HN2 NH2 A 28 12.02 -1.75 12.88
C ACE A 1 -19.30 -2.43 -9.00
O ACE A 1 -19.48 -3.63 -9.12
CH3 ACE A 1 -20.22 -1.47 -9.72
H1 ACE A 1 -20.75 -1.99 -10.50
H2 ACE A 1 -19.64 -0.67 -10.16
H3 ACE A 1 -20.93 -1.05 -9.01
N TYR A 2 -18.35 -1.90 -8.28
CA TYR A 2 -17.32 -2.66 -7.49
C TYR A 2 -16.26 -3.40 -8.32
N GLY A 3 -16.77 -4.05 -9.31
CA GLY A 3 -15.99 -4.86 -10.30
C GLY A 3 -14.50 -4.52 -10.41
N ASP A 4 -14.22 -3.28 -10.69
CA ASP A 4 -12.77 -2.84 -10.83
C ASP A 4 -12.44 -1.63 -9.94
N THR A 5 -13.12 -1.50 -8.82
CA THR A 5 -12.83 -0.32 -7.92
C THR A 5 -11.62 -0.59 -7.06
N TRP A 6 -11.33 -1.84 -7.02
CA TRP A 6 -10.17 -2.27 -6.20
C TRP A 6 -8.87 -1.64 -6.66
N ALA A 7 -8.86 -1.19 -7.89
CA ALA A 7 -7.63 -0.54 -8.43
C ALA A 7 -7.32 0.68 -7.54
N GLY A 8 -8.37 1.24 -7.00
CA GLY A 8 -8.20 2.43 -6.11
C GLY A 8 -7.53 1.92 -4.86
N VAL A 9 -8.15 0.92 -4.28
CA VAL A 9 -7.62 0.30 -3.03
C VAL A 9 -6.12 -0.04 -3.18
N GLU A 10 -5.79 -0.69 -4.26
CA GLU A 10 -4.36 -1.04 -4.45
C GLU A 10 -3.46 0.18 -4.52
N ALA A 11 -3.99 1.30 -4.91
CA ALA A 11 -3.09 2.50 -5.00
C ALA A 11 -2.69 2.91 -3.58
N ILE A 12 -3.51 2.49 -2.66
CA ILE A 12 -3.28 2.80 -1.23
C ILE A 12 -2.27 1.81 -0.68
N ILE A 13 -2.60 0.56 -0.78
CA ILE A 13 -1.68 -0.48 -0.26
C ILE A 13 -0.31 -0.33 -0.95
N ARG A 14 -0.33 0.06 -2.19
CA ARG A 14 0.94 0.25 -2.96
C ARG A 14 1.89 1.18 -2.22
N ILE A 15 1.34 2.05 -1.39
CA ILE A 15 2.21 3.01 -0.63
C ILE A 15 2.10 2.89 0.91
N LEU A 16 0.91 2.66 1.37
CA LEU A 16 0.58 2.53 2.83
C LEU A 16 1.64 1.69 3.53
N GLN A 17 1.54 0.42 3.29
CA GLN A 17 2.53 -0.45 3.94
C GLN A 17 3.87 -0.31 3.24
N GLN A 18 3.91 0.47 2.19
CA GLN A 18 5.22 0.61 1.49
C GLN A 18 6.09 1.49 2.40
N LEU A 19 5.41 2.41 3.04
CA LEU A 19 6.10 3.36 3.96
C LEU A 19 6.36 2.64 5.26
N LEU A 20 5.47 1.76 5.58
CA LEU A 20 5.63 0.99 6.84
C LEU A 20 6.72 -0.02 6.70
N PHE A 21 6.84 -0.62 5.55
CA PHE A 21 7.89 -1.63 5.35
C PHE A 21 9.21 -0.94 5.46
N ILE A 22 9.28 0.28 5.00
CA ILE A 22 10.61 0.92 5.12
C ILE A 22 10.75 1.53 6.50
N HIS A 23 9.62 1.92 7.04
CA HIS A 23 9.67 2.53 8.40
C HIS A 23 10.15 1.45 9.36
N PHE A 24 9.62 0.29 9.11
CA PHE A 24 9.94 -0.91 9.93
C PHE A 24 11.28 -1.53 9.56
N ARG A 25 11.48 -1.71 8.29
CA ARG A 25 12.77 -2.31 7.84
C ARG A 25 13.95 -1.47 8.30
N ILE A 26 13.81 -0.17 8.24
CA ILE A 26 14.95 0.69 8.68
C ILE A 26 14.85 1.00 10.18
N GLY A 27 13.66 1.17 10.69
CA GLY A 27 13.49 1.46 12.14
C GLY A 27 12.57 0.44 12.81
N NH2 A 28 11.29 0.49 12.61
HN1 NH2 A 28 10.92 1.18 12.01
HN2 NH2 A 28 10.71 -0.16 13.04
#